data_4QM7
#
_entry.id   4QM7
#
_cell.length_a   46.170
_cell.length_b   67.210
_cell.length_c   118.860
_cell.angle_alpha   90.00
_cell.angle_beta   90.00
_cell.angle_gamma   90.00
#
_symmetry.space_group_name_H-M   'P 21 21 21'
#
loop_
_entity.id
_entity.type
_entity.pdbx_description
1 polymer Metallophosphoesterase
2 polymer DNA
3 non-polymer "GUANOSINE-5'-TRIPHOSPHATE"
4 non-polymer 'MAGNESIUM ION'
5 water water
#
loop_
_entity_poly.entity_id
_entity_poly.type
_entity_poly.pdbx_seq_one_letter_code
_entity_poly.pdbx_strand_id
1 'polypeptide(L)'
;S(MSE)KLTIPELSLVVLIGSSGSGKSTFAKKHFKPTEVISSDFCRGL(MSE)SDDENDQTVTGAAFDVLHYIVSKRLQL
GKLTVVDATNVQESARKPLIEIAKDYHCFPVAVVFNLPEKVCQERNKNRTDRQVEEYVIRKHTQQ(MSE)KKSIKGLQRE
GFRYVYILNSPEEVEEVVFERQP
;
A,B
2 'polydeoxyribonucleotide' (DC)(DC)(DT)(DG) C
#
# COMPACT_ATOMS: atom_id res chain seq x y z
N SER A 1 11.60 -12.00 -6.11
CA SER A 1 11.67 -10.55 -6.21
C SER A 1 10.38 -9.93 -5.67
N LYS A 3 7.83 -7.09 -6.97
CA LYS A 3 7.45 -6.19 -8.05
C LYS A 3 6.61 -5.01 -7.57
N LEU A 4 7.07 -3.81 -7.91
CA LEU A 4 6.44 -2.54 -7.53
C LEU A 4 5.98 -1.90 -8.82
N THR A 5 4.67 -1.79 -8.99
CA THR A 5 4.11 -1.26 -10.22
C THR A 5 4.00 0.26 -10.15
N ILE A 6 4.48 0.93 -11.19
CA ILE A 6 4.33 2.36 -11.25
C ILE A 6 3.94 2.81 -12.65
N PRO A 7 3.11 3.83 -12.72
CA PRO A 7 2.72 4.28 -14.06
C PRO A 7 3.86 5.05 -14.69
N GLU A 8 3.83 5.13 -16.03
CA GLU A 8 4.92 5.85 -16.70
C GLU A 8 4.96 7.32 -16.24
N LEU A 9 3.80 7.88 -15.93
CA LEU A 9 3.62 9.22 -15.33
C LEU A 9 3.53 9.21 -13.82
N SER A 10 4.66 9.09 -13.12
CA SER A 10 4.65 8.95 -11.67
C SER A 10 5.55 10.03 -11.08
N LEU A 11 5.23 10.46 -9.87
CA LEU A 11 6.22 11.13 -8.99
C LEU A 11 6.56 10.13 -7.91
N VAL A 12 7.78 9.60 -7.91
CA VAL A 12 8.14 8.57 -6.93
C VAL A 12 8.84 9.27 -5.78
N VAL A 13 8.24 9.21 -4.60
CA VAL A 13 8.79 9.91 -3.43
C VAL A 13 9.47 8.87 -2.54
N LEU A 14 10.80 8.96 -2.40
CA LEU A 14 11.55 8.04 -1.53
C LEU A 14 11.45 8.55 -0.11
N ILE A 15 11.13 7.69 0.85
CA ILE A 15 10.95 8.11 2.23
C ILE A 15 11.87 7.29 3.13
N GLY A 16 12.79 7.95 3.83
CA GLY A 16 13.73 7.18 4.59
C GLY A 16 14.72 8.03 5.31
N SER A 17 15.18 7.51 6.44
CA SER A 17 16.24 8.19 7.23
C SER A 17 17.52 8.41 6.41
N SER A 18 18.35 9.40 6.79
CA SER A 18 19.69 9.40 6.26
C SER A 18 20.32 8.04 6.52
N GLY A 19 21.04 7.47 5.55
CA GLY A 19 21.68 6.18 5.77
C GLY A 19 20.83 4.98 5.36
N SER A 20 19.57 5.22 4.98
CA SER A 20 18.68 4.09 4.64
C SER A 20 18.90 3.51 3.23
N GLY A 21 19.64 4.24 2.39
CA GLY A 21 20.05 3.77 1.08
C GLY A 21 19.24 4.31 -0.10
N LYS A 22 18.59 5.45 0.12
CA LYS A 22 17.75 6.07 -0.89
C LYS A 22 18.50 6.36 -2.18
N SER A 23 19.65 7.03 -2.06
CA SER A 23 20.35 7.45 -3.27
C SER A 23 20.92 6.26 -4.05
N THR A 24 21.37 5.26 -3.32
CA THR A 24 21.91 4.04 -3.89
C THR A 24 20.80 3.33 -4.66
N PHE A 25 19.64 3.27 -4.02
CA PHE A 25 18.43 2.65 -4.64
C PHE A 25 18.01 3.42 -5.88
N ALA A 26 18.01 4.75 -5.82
CA ALA A 26 17.62 5.56 -6.97
C ALA A 26 18.54 5.31 -8.16
N LYS A 27 19.83 5.16 -7.87
CA LYS A 27 20.83 4.95 -8.90
C LYS A 27 20.70 3.58 -9.54
N LYS A 28 20.26 2.60 -8.76
CA LYS A 28 20.12 1.26 -9.28
C LYS A 28 18.90 1.14 -10.19
N HIS A 29 17.82 1.86 -9.84
CA HIS A 29 16.53 1.62 -10.52
C HIS A 29 16.07 2.63 -11.56
N PHE A 30 16.65 3.86 -11.55
CA PHE A 30 16.18 4.95 -12.42
C PHE A 30 17.33 5.60 -13.19
N LYS A 31 17.02 6.33 -14.26
CA LYS A 31 18.02 7.06 -15.03
C LYS A 31 18.46 8.27 -14.21
N PRO A 32 19.72 8.67 -14.36
CA PRO A 32 20.19 9.81 -13.57
C PRO A 32 19.34 11.07 -13.71
N THR A 33 18.86 11.37 -14.92
CA THR A 33 18.04 12.56 -15.11
C THR A 33 16.65 12.48 -14.53
N GLU A 34 16.21 11.28 -14.18
CA GLU A 34 14.92 11.08 -13.50
C GLU A 34 14.96 11.42 -12.01
N VAL A 35 16.18 11.51 -11.46
CA VAL A 35 16.31 11.61 -10.02
C VAL A 35 16.70 13.06 -9.66
N ILE A 36 15.86 13.71 -8.84
CA ILE A 36 16.20 15.06 -8.33
C ILE A 36 16.42 14.95 -6.83
N SER A 37 17.64 15.21 -6.39
CA SER A 37 17.96 15.01 -4.97
C SER A 37 18.04 16.37 -4.25
N SER A 38 17.72 16.39 -2.97
CA SER A 38 17.82 17.63 -2.21
C SER A 38 19.30 18.02 -2.08
N ASP A 39 20.18 17.03 -2.07
CA ASP A 39 21.62 17.35 -2.03
C ASP A 39 22.06 18.13 -3.26
N PHE A 40 21.63 17.67 -4.43
CA PHE A 40 21.92 18.43 -5.66
C PHE A 40 21.38 19.85 -5.59
N CYS A 41 20.15 20.00 -5.11
CA CYS A 41 19.55 21.36 -5.10
C CYS A 41 20.25 22.29 -4.12
N ARG A 42 20.68 21.76 -2.98
CA ARG A 42 21.52 22.56 -2.07
C ARG A 42 22.80 22.97 -2.77
N GLY A 43 23.36 22.09 -3.58
CA GLY A 43 24.63 22.41 -4.25
C GLY A 43 24.47 23.54 -5.24
N LEU A 44 23.25 23.73 -5.73
CA LEU A 44 23.01 24.81 -6.73
C LEU A 44 23.00 26.14 -6.01
N SER A 46 24.78 26.76 -3.03
CA SER A 46 26.01 27.05 -2.30
C SER A 46 27.04 25.96 -2.50
N ASP A 47 28.31 26.41 -2.59
CA ASP A 47 29.46 25.52 -2.67
C ASP A 47 29.91 25.14 -1.27
N ASP A 48 29.35 25.81 -0.27
CA ASP A 48 29.61 25.49 1.13
C ASP A 48 28.82 24.25 1.49
N GLU A 49 29.52 23.11 1.56
CA GLU A 49 28.89 21.84 1.92
C GLU A 49 28.05 21.93 3.20
N ASN A 50 28.54 22.70 4.18
CA ASN A 50 27.84 22.89 5.44
C ASN A 50 27.19 24.28 5.59
N ASP A 51 26.50 24.75 4.56
CA ASP A 51 25.72 25.99 4.69
C ASP A 51 24.27 25.63 4.92
N GLN A 52 23.92 25.58 6.20
CA GLN A 52 22.60 25.21 6.66
C GLN A 52 21.50 26.13 6.12
N THR A 53 21.87 27.39 5.89
CA THR A 53 20.91 28.43 5.59
C THR A 53 20.26 28.32 4.21
N VAL A 54 20.71 27.38 3.39
CA VAL A 54 20.16 27.32 2.04
C VAL A 54 19.03 26.30 1.90
N THR A 55 18.66 25.63 2.99
CA THR A 55 17.69 24.53 2.92
C THR A 55 16.36 24.96 2.33
N GLY A 56 15.80 26.08 2.79
CA GLY A 56 14.47 26.46 2.30
C GLY A 56 14.46 26.77 0.81
N ALA A 57 15.50 27.45 0.36
CA ALA A 57 15.59 27.81 -1.05
C ALA A 57 15.79 26.55 -1.88
N ALA A 58 16.64 25.66 -1.39
CA ALA A 58 16.95 24.42 -2.08
C ALA A 58 15.67 23.61 -2.30
N PHE A 59 14.81 23.55 -1.31
CA PHE A 59 13.54 22.81 -1.54
C PHE A 59 12.57 23.56 -2.44
N ASP A 60 12.57 24.89 -2.44
CA ASP A 60 11.77 25.61 -3.44
C ASP A 60 12.26 25.25 -4.85
N VAL A 61 13.60 25.18 -5.01
CA VAL A 61 14.17 24.84 -6.31
C VAL A 61 13.79 23.39 -6.70
N LEU A 62 13.92 22.49 -5.74
CA LEU A 62 13.55 21.08 -5.99
C LEU A 62 12.11 20.99 -6.45
N HIS A 63 11.19 21.66 -5.73
CA HIS A 63 9.77 21.60 -6.11
C HIS A 63 9.51 22.14 -7.51
N TYR A 64 10.20 23.19 -7.89
CA TYR A 64 9.98 23.76 -9.18
C TYR A 64 10.49 22.86 -10.28
N ILE A 65 11.70 22.31 -10.11
CA ILE A 65 12.26 21.36 -11.11
C ILE A 65 11.31 20.18 -11.26
N VAL A 66 10.87 19.61 -10.15
CA VAL A 66 9.90 18.50 -10.21
C VAL A 66 8.66 18.93 -10.99
N SER A 67 8.14 20.13 -10.71
CA SER A 67 6.91 20.60 -11.36
C SER A 67 7.03 20.64 -12.87
N LYS A 68 8.14 21.19 -13.32
CA LYS A 68 8.33 21.40 -14.74
C LYS A 68 8.54 20.06 -15.41
N ARG A 69 9.24 19.14 -14.76
CA ARG A 69 9.44 17.80 -15.37
C ARG A 69 8.10 17.06 -15.49
N LEU A 70 7.28 17.13 -14.45
CA LEU A 70 5.97 16.46 -14.51
C LEU A 70 5.05 17.09 -15.56
N GLN A 71 5.17 18.40 -15.70
CA GLN A 71 4.40 19.12 -16.72
C GLN A 71 4.76 18.62 -18.12
N LEU A 72 6.01 18.23 -18.30
CA LEU A 72 6.55 17.71 -19.55
C LEU A 72 6.23 16.22 -19.70
N GLY A 73 5.57 15.65 -18.71
CA GLY A 73 5.22 14.25 -18.75
C GLY A 73 6.37 13.31 -18.47
N LYS A 74 7.34 13.76 -17.66
CA LYS A 74 8.56 12.96 -17.41
C LYS A 74 8.57 12.39 -15.99
N LEU A 75 8.65 11.06 -15.87
CA LEU A 75 8.70 10.42 -14.54
C LEU A 75 9.84 11.05 -13.74
N THR A 76 9.58 11.32 -12.45
CA THR A 76 10.57 11.96 -11.61
C THR A 76 10.58 11.33 -10.24
N VAL A 77 11.78 11.16 -9.68
CA VAL A 77 11.98 10.57 -8.37
C VAL A 77 12.54 11.63 -7.46
N VAL A 78 11.97 11.77 -6.27
CA VAL A 78 12.45 12.75 -5.31
C VAL A 78 13.34 12.04 -4.28
N ASP A 79 14.62 12.35 -4.32
CA ASP A 79 15.62 11.77 -3.44
C ASP A 79 15.97 12.72 -2.27
N ALA A 80 15.18 12.64 -1.22
CA ALA A 80 15.33 13.38 0.04
C ALA A 80 14.75 12.51 1.12
N THR A 81 14.88 12.91 2.39
CA THR A 81 14.38 12.02 3.45
C THR A 81 12.87 11.92 3.42
N ASN A 82 12.18 13.04 3.20
CA ASN A 82 10.70 13.03 3.10
C ASN A 82 10.01 12.39 4.29
N VAL A 83 10.64 12.46 5.48
CA VAL A 83 10.06 11.88 6.69
C VAL A 83 9.10 12.80 7.45
N GLN A 84 9.03 14.08 7.09
CA GLN A 84 8.05 14.98 7.69
C GLN A 84 6.84 15.13 6.77
N GLU A 85 5.65 15.14 7.33
N GLU A 85 5.65 15.14 7.33
CA GLU A 85 4.43 15.36 6.54
CA GLU A 85 4.45 15.35 6.51
CA GLU A 85 3.67 14.87 7.08
C GLU A 85 4.46 16.69 5.77
C GLU A 85 4.47 16.69 5.76
N SER A 86 5.03 17.71 6.39
CA SER A 86 5.18 19.01 5.72
C SER A 86 6.07 19.01 4.47
N ALA A 87 7.02 18.08 4.39
CA ALA A 87 7.85 17.93 3.21
C ALA A 87 7.07 17.19 2.12
N ARG A 88 6.23 16.25 2.53
CA ARG A 88 5.51 15.48 1.52
C ARG A 88 4.31 16.22 0.92
N LYS A 89 3.66 17.04 1.73
CA LYS A 89 2.46 17.74 1.27
C LYS A 89 2.62 18.52 -0.07
N PRO A 90 3.67 19.35 -0.21
CA PRO A 90 3.80 20.05 -1.51
C PRO A 90 4.05 19.11 -2.69
N LEU A 91 4.62 17.93 -2.45
CA LEU A 91 4.95 17.02 -3.52
C LEU A 91 3.68 16.38 -4.00
N ILE A 92 2.82 16.08 -3.05
CA ILE A 92 1.51 15.52 -3.42
C ILE A 92 0.70 16.51 -4.24
N GLU A 93 0.70 17.78 -3.82
CA GLU A 93 0.00 18.82 -4.57
C GLU A 93 0.54 18.97 -5.98
N ILE A 94 1.86 18.92 -6.15
CA ILE A 94 2.46 18.99 -7.48
C ILE A 94 1.99 17.85 -8.40
N ALA A 95 2.02 16.63 -7.86
CA ALA A 95 1.63 15.47 -8.65
C ALA A 95 0.19 15.65 -9.13
N LYS A 96 -0.68 16.08 -8.23
CA LYS A 96 -2.09 16.30 -8.58
C LYS A 96 -2.27 17.37 -9.65
N ASP A 97 -1.52 18.46 -9.53
CA ASP A 97 -1.63 19.61 -10.45
C ASP A 97 -1.33 19.21 -11.89
N TYR A 98 -0.43 18.25 -12.06
CA TYR A 98 0.00 17.83 -13.38
C TYR A 98 -0.54 16.45 -13.73
N HIS A 99 -1.61 16.06 -13.03
CA HIS A 99 -2.30 14.79 -13.27
C HIS A 99 -1.39 13.57 -13.31
N CYS A 100 -0.51 13.50 -12.31
CA CYS A 100 0.50 12.46 -12.17
CA CYS A 100 0.51 12.50 -12.16
C CYS A 100 0.18 11.70 -10.90
N PHE A 101 0.55 10.41 -10.83
CA PHE A 101 0.32 9.64 -9.58
C PHE A 101 1.49 9.80 -8.60
N PRO A 102 1.22 10.23 -7.36
CA PRO A 102 2.31 10.19 -6.41
C PRO A 102 2.46 8.79 -5.80
N VAL A 103 3.69 8.28 -5.78
CA VAL A 103 3.98 6.95 -5.29
C VAL A 103 4.94 7.06 -4.13
N ALA A 104 4.67 6.33 -3.05
CA ALA A 104 5.56 6.39 -1.89
C ALA A 104 6.38 5.12 -1.83
N VAL A 105 7.71 5.24 -1.67
CA VAL A 105 8.51 4.04 -1.45
C VAL A 105 9.23 4.25 -0.12
N VAL A 106 8.92 3.43 0.89
CA VAL A 106 9.32 3.73 2.27
C VAL A 106 10.39 2.73 2.68
N PHE A 107 11.53 3.25 3.13
CA PHE A 107 12.64 2.42 3.61
C PHE A 107 12.48 2.19 5.09
N ASN A 108 11.65 1.20 5.44
CA ASN A 108 11.28 0.93 6.82
C ASN A 108 12.31 -0.01 7.42
N LEU A 109 13.52 0.52 7.64
CA LEU A 109 14.64 -0.26 8.14
C LEU A 109 14.87 0.09 9.60
N PRO A 110 15.41 -0.86 10.38
CA PRO A 110 15.67 -0.53 11.78
C PRO A 110 16.68 0.60 11.90
N GLU A 111 16.53 1.40 12.95
CA GLU A 111 17.49 2.46 13.23
C GLU A 111 18.93 1.95 13.17
N LYS A 112 19.18 0.76 13.71
CA LYS A 112 20.56 0.24 13.82
C LYS A 112 21.24 0.06 12.46
N VAL A 113 20.46 -0.40 11.47
CA VAL A 113 21.00 -0.62 10.13
C VAL A 113 21.41 0.74 9.59
N CYS A 114 20.55 1.73 9.78
CA CYS A 114 20.90 3.08 9.25
C CYS A 114 22.09 3.67 9.97
N GLN A 115 22.14 3.50 11.29
CA GLN A 115 23.29 4.01 12.06
C GLN A 115 24.61 3.37 11.62
N GLU A 116 24.58 2.06 11.35
CA GLU A 116 25.79 1.33 10.94
C GLU A 116 26.25 1.78 9.56
N ARG A 117 25.30 2.00 8.66
CA ARG A 117 25.68 2.46 7.32
C ARG A 117 26.23 3.85 7.37
N ASN A 118 25.70 4.66 8.28
CA ASN A 118 26.21 6.01 8.48
C ASN A 118 27.65 5.98 9.01
N LYS A 119 27.92 5.10 9.98
CA LYS A 119 29.28 5.01 10.55
C LYS A 119 30.30 4.61 9.48
N ASN A 120 29.86 3.81 8.51
CA ASN A 120 30.79 3.22 7.56
C ASN A 120 30.88 3.94 6.21
N ARG A 121 30.08 4.98 6.01
CA ARG A 121 30.12 5.64 4.71
C ARG A 121 31.31 6.58 4.66
N THR A 122 31.86 6.73 3.46
CA THR A 122 33.08 7.50 3.27
C THR A 122 32.81 8.83 2.60
N ASP A 123 31.55 9.07 2.21
CA ASP A 123 31.18 10.30 1.48
C ASP A 123 30.79 11.53 2.34
N ARG A 124 29.79 11.39 3.21
CA ARG A 124 29.26 12.48 4.08
C ARG A 124 28.28 11.93 5.16
N GLN A 125 28.72 12.02 6.40
CA GLN A 125 28.01 11.43 7.52
C GLN A 125 27.13 12.44 8.21
N VAL A 126 26.17 11.97 8.98
CA VAL A 126 25.40 12.84 9.85
C VAL A 126 25.63 12.39 11.29
N GLU A 127 25.19 13.21 12.23
CA GLU A 127 25.27 12.81 13.64
C GLU A 127 24.21 11.79 14.02
N GLU A 128 24.52 10.98 15.04
CA GLU A 128 23.64 9.90 15.44
C GLU A 128 22.21 10.38 15.75
N TYR A 129 22.08 11.54 16.41
CA TYR A 129 20.74 11.95 16.81
C TYR A 129 19.82 12.19 15.61
N VAL A 130 20.42 12.56 14.47
CA VAL A 130 19.69 12.85 13.26
C VAL A 130 18.98 11.57 12.78
N ILE A 131 19.69 10.45 12.82
CA ILE A 131 19.14 9.20 12.30
C ILE A 131 18.11 8.69 13.29
N ARG A 132 18.35 8.90 14.57
CA ARG A 132 17.36 8.51 15.59
CA ARG A 132 17.35 8.51 15.58
C ARG A 132 16.06 9.24 15.29
N LYS A 133 16.16 10.54 15.04
CA LYS A 133 14.97 11.36 14.78
C LYS A 133 14.28 10.96 13.48
N HIS A 134 15.07 10.82 12.41
CA HIS A 134 14.48 10.44 11.11
C HIS A 134 13.72 9.12 11.21
N THR A 135 14.29 8.14 11.91
CA THR A 135 13.66 6.83 11.93
C THR A 135 12.35 6.93 12.68
N GLN A 136 12.31 7.69 13.77
CA GLN A 136 11.06 7.90 14.48
CA GLN A 136 11.06 7.90 14.50
C GLN A 136 10.01 8.58 13.61
N GLN A 137 10.43 9.60 12.85
CA GLN A 137 9.50 10.30 11.97
C GLN A 137 8.98 9.43 10.84
N LYS A 139 8.68 6.10 10.94
CA LYS A 139 7.74 5.07 11.42
C LYS A 139 6.36 5.66 11.70
N LYS A 140 6.36 6.89 12.22
CA LYS A 140 5.10 7.57 12.53
C LYS A 140 4.34 7.94 11.27
N SER A 141 5.04 8.04 10.13
CA SER A 141 4.43 8.47 8.86
C SER A 141 3.70 7.37 8.10
N ILE A 142 4.11 6.15 8.31
CA ILE A 142 3.66 5.04 7.45
C ILE A 142 2.13 4.93 7.38
N LYS A 143 1.51 4.94 8.54
CA LYS A 143 0.07 4.66 8.55
C LYS A 143 -0.74 5.65 7.72
N GLY A 144 -0.37 6.93 7.75
CA GLY A 144 -1.15 7.95 7.11
C GLY A 144 -0.86 8.25 5.65
N LEU A 145 0.05 7.53 5.01
CA LEU A 145 0.50 7.92 3.65
C LEU A 145 -0.61 7.86 2.61
N GLN A 146 -1.41 6.80 2.62
CA GLN A 146 -2.48 6.72 1.64
C GLN A 146 -3.45 7.91 1.79
N ARG A 147 -3.79 8.24 3.04
CA ARG A 147 -4.71 9.32 3.32
C ARG A 147 -4.11 10.70 2.96
N GLU A 148 -2.79 10.82 3.01
CA GLU A 148 -2.11 12.06 2.54
C GLU A 148 -2.31 12.27 1.05
N GLY A 149 -2.58 11.19 0.32
CA GLY A 149 -2.84 11.30 -1.10
C GLY A 149 -1.93 10.49 -2.01
N PHE A 150 -1.01 9.71 -1.42
CA PHE A 150 -0.21 8.75 -2.19
C PHE A 150 -1.12 7.67 -2.77
N ARG A 151 -1.05 7.49 -4.07
CA ARG A 151 -1.94 6.54 -4.78
C ARG A 151 -1.47 5.10 -4.64
N TYR A 152 -0.14 4.89 -4.59
CA TYR A 152 0.42 3.57 -4.27
C TYR A 152 1.40 3.78 -3.14
N VAL A 153 1.33 2.91 -2.13
CA VAL A 153 2.26 3.02 -1.00
C VAL A 153 3.01 1.70 -0.92
N TYR A 154 4.33 1.74 -1.09
CA TYR A 154 5.16 0.54 -1.03
C TYR A 154 6.12 0.60 0.14
N ILE A 155 5.97 -0.33 1.10
CA ILE A 155 6.82 -0.31 2.30
C ILE A 155 7.81 -1.46 2.22
N LEU A 156 9.11 -1.13 2.29
CA LEU A 156 10.21 -2.10 2.25
C LEU A 156 10.71 -2.30 3.68
N ASN A 157 10.58 -3.52 4.19
CA ASN A 157 10.73 -3.75 5.65
C ASN A 157 12.04 -4.35 6.10
N SER A 158 12.97 -4.56 5.16
CA SER A 158 14.29 -5.11 5.51
C SER A 158 15.25 -4.85 4.36
N PRO A 159 16.56 -4.95 4.61
CA PRO A 159 17.48 -4.82 3.47
C PRO A 159 17.23 -5.87 2.37
N GLU A 160 16.84 -7.07 2.81
CA GLU A 160 16.52 -8.15 1.89
C GLU A 160 15.38 -7.73 0.96
N GLU A 161 14.36 -7.07 1.49
CA GLU A 161 13.24 -6.65 0.67
C GLU A 161 13.64 -5.51 -0.25
N VAL A 162 14.48 -4.59 0.23
CA VAL A 162 14.99 -3.54 -0.64
C VAL A 162 15.75 -4.10 -1.84
N GLU A 163 16.63 -5.07 -1.60
CA GLU A 163 17.44 -5.65 -2.67
C GLU A 163 16.58 -6.43 -3.67
N GLU A 164 15.42 -6.91 -3.23
CA GLU A 164 14.57 -7.71 -4.09
C GLU A 164 13.65 -6.91 -5.01
N VAL A 165 13.56 -5.59 -4.81
CA VAL A 165 12.67 -4.76 -5.62
C VAL A 165 12.98 -4.78 -7.11
N VAL A 166 11.94 -4.90 -7.91
CA VAL A 166 12.02 -4.57 -9.33
C VAL A 166 10.79 -3.72 -9.67
N PHE A 167 11.01 -2.66 -10.43
CA PHE A 167 9.90 -1.80 -10.82
C PHE A 167 9.35 -2.31 -12.12
N GLU A 168 8.04 -2.29 -12.24
CA GLU A 168 7.35 -2.61 -13.49
C GLU A 168 6.68 -1.33 -13.93
N ARG A 169 7.13 -0.73 -15.02
CA ARG A 169 6.53 0.55 -15.43
C ARG A 169 5.45 0.31 -16.45
N GLN A 170 4.24 0.79 -16.16
CA GLN A 170 3.12 0.52 -17.05
C GLN A 170 2.58 1.76 -17.77
N PRO A 171 2.52 1.70 -19.11
CA PRO A 171 2.03 2.82 -19.93
C PRO A 171 0.64 2.59 -20.53
N SER B 1 -12.21 12.27 -1.93
CA SER B 1 -12.28 10.82 -1.93
C SER B 1 -10.89 10.20 -1.85
N LYS B 3 -8.81 7.50 -3.72
CA LYS B 3 -8.89 6.69 -4.93
C LYS B 3 -8.01 5.43 -4.85
N LEU B 4 -8.64 4.29 -5.08
CA LEU B 4 -7.94 3.01 -5.05
C LEU B 4 -7.90 2.49 -6.51
N THR B 5 -6.72 2.36 -7.08
CA THR B 5 -6.57 1.95 -8.47
C THR B 5 -6.50 0.44 -8.58
N ILE B 6 -7.29 -0.12 -9.49
CA ILE B 6 -7.18 -1.55 -9.74
C ILE B 6 -7.20 -1.86 -11.23
N PRO B 7 -6.41 -2.85 -11.64
CA PRO B 7 -6.40 -3.34 -13.03
C PRO B 7 -7.75 -3.94 -13.43
N GLU B 8 -8.07 -3.82 -14.72
CA GLU B 8 -9.33 -4.36 -15.24
C GLU B 8 -9.47 -5.83 -14.93
N LEU B 9 -8.37 -6.57 -15.00
CA LEU B 9 -8.40 -7.95 -14.53
C LEU B 9 -7.60 -8.04 -13.23
N SER B 10 -8.33 -8.12 -12.12
CA SER B 10 -7.76 -8.15 -10.79
C SER B 10 -8.48 -9.22 -10.04
N LEU B 11 -7.85 -9.70 -8.97
CA LEU B 11 -8.55 -10.43 -7.92
C LEU B 11 -8.48 -9.54 -6.69
N VAL B 12 -9.62 -8.98 -6.31
CA VAL B 12 -9.68 -8.07 -5.18
C VAL B 12 -10.01 -8.87 -3.92
N VAL B 13 -9.09 -8.90 -2.94
CA VAL B 13 -9.32 -9.73 -1.74
C VAL B 13 -9.66 -8.79 -0.57
N LEU B 14 -10.88 -8.87 -0.05
CA LEU B 14 -11.27 -8.04 1.08
C LEU B 14 -10.80 -8.72 2.36
N ILE B 15 -10.21 -7.96 3.26
CA ILE B 15 -9.61 -8.51 4.47
C ILE B 15 -10.17 -7.76 5.68
N GLY B 16 -10.87 -8.47 6.56
CA GLY B 16 -11.50 -7.76 7.65
C GLY B 16 -12.28 -8.69 8.56
N SER B 17 -12.35 -8.31 9.84
CA SER B 17 -13.14 -9.05 10.84
C SER B 17 -14.60 -9.14 10.47
N SER B 18 -15.29 -10.15 11.02
CA SER B 18 -16.73 -10.12 10.96
C SER B 18 -17.19 -8.75 11.50
N GLY B 19 -18.17 -8.14 10.85
CA GLY B 19 -18.67 -6.84 11.27
C GLY B 19 -17.91 -5.63 10.73
N SER B 20 -16.84 -5.85 9.96
CA SER B 20 -16.03 -4.72 9.50
C SER B 20 -16.65 -4.02 8.28
N GLY B 21 -17.63 -4.65 7.62
CA GLY B 21 -18.37 -4.00 6.56
C GLY B 21 -17.97 -4.43 5.18
N LYS B 22 -17.34 -5.59 5.07
CA LYS B 22 -16.84 -6.11 3.80
C LYS B 22 -17.98 -6.27 2.77
N SER B 23 -19.06 -6.94 3.18
CA SER B 23 -20.15 -7.21 2.24
C SER B 23 -20.88 -5.94 1.82
N THR B 24 -21.07 -5.05 2.78
CA THR B 24 -21.65 -3.73 2.53
C THR B 24 -20.83 -2.97 1.50
N PHE B 25 -19.53 -3.01 1.70
CA PHE B 25 -18.58 -2.34 0.81
C PHE B 25 -18.59 -2.94 -0.60
N ALA B 26 -18.62 -4.27 -0.68
CA ALA B 26 -18.62 -4.94 -1.98
C ALA B 26 -19.87 -4.59 -2.78
N LYS B 27 -21.02 -4.48 -2.10
CA LYS B 27 -22.28 -4.14 -2.77
C LYS B 27 -22.27 -2.73 -3.32
N LYS B 28 -21.62 -1.83 -2.57
CA LYS B 28 -21.55 -0.43 -2.94
C LYS B 28 -20.67 -0.22 -4.17
N HIS B 29 -19.57 -0.96 -4.24
CA HIS B 29 -18.56 -0.70 -5.26
C HIS B 29 -18.47 -1.65 -6.45
N PHE B 30 -19.09 -2.83 -6.40
CA PHE B 30 -18.89 -3.84 -7.46
C PHE B 30 -20.22 -4.37 -7.94
N LYS B 31 -20.24 -4.93 -9.13
CA LYS B 31 -21.46 -5.60 -9.60
C LYS B 31 -21.71 -6.87 -8.80
N PRO B 32 -22.98 -7.27 -8.66
CA PRO B 32 -23.21 -8.49 -7.88
C PRO B 32 -22.44 -9.72 -8.37
N THR B 33 -22.35 -9.93 -9.68
CA THR B 33 -21.67 -11.13 -10.19
C THR B 33 -20.14 -11.08 -10.08
N GLU B 34 -19.61 -9.91 -9.77
CA GLU B 34 -18.17 -9.82 -9.52
C GLU B 34 -17.80 -10.30 -8.11
N VAL B 35 -18.77 -10.38 -7.21
CA VAL B 35 -18.45 -10.62 -5.79
C VAL B 35 -18.79 -12.07 -5.43
N ILE B 36 -17.79 -12.82 -4.93
CA ILE B 36 -18.01 -14.23 -4.53
C ILE B 36 -17.79 -14.24 -3.03
N SER B 37 -18.82 -14.51 -2.24
CA SER B 37 -18.66 -14.52 -0.78
C SER B 37 -18.66 -15.94 -0.20
N SER B 38 -18.02 -16.11 0.94
CA SER B 38 -17.98 -17.41 1.58
C SER B 38 -19.39 -17.77 2.01
N ASP B 39 -20.19 -16.79 2.43
CA ASP B 39 -21.57 -17.08 2.85
CA ASP B 39 -21.58 -17.06 2.86
C ASP B 39 -22.38 -17.66 1.70
N PHE B 40 -22.21 -17.11 0.51
CA PHE B 40 -22.92 -17.63 -0.66
C PHE B 40 -22.52 -19.10 -0.93
N CYS B 41 -21.22 -19.36 -0.83
CA CYS B 41 -20.71 -20.69 -1.15
C CYS B 41 -21.20 -21.68 -0.10
N ARG B 42 -21.29 -21.25 1.16
CA ARG B 42 -21.89 -22.11 2.17
C ARG B 42 -23.33 -22.43 1.83
N GLY B 43 -24.05 -21.45 1.30
CA GLY B 43 -25.46 -21.61 1.00
C GLY B 43 -25.69 -22.61 -0.13
N LEU B 44 -24.69 -22.85 -0.97
CA LEU B 44 -24.82 -23.86 -2.05
C LEU B 44 -24.73 -25.25 -1.47
N SER B 46 -25.65 -25.99 1.74
CA SER B 46 -26.59 -26.21 2.84
C SER B 46 -27.79 -25.28 2.85
N ASP B 47 -28.97 -25.83 3.10
CA ASP B 47 -30.14 -24.98 3.19
C ASP B 47 -30.39 -24.51 4.62
N ASP B 48 -29.35 -24.52 5.45
CA ASP B 48 -29.41 -23.87 6.76
C ASP B 48 -28.58 -22.60 6.70
N GLU B 49 -29.04 -21.54 7.36
CA GLU B 49 -28.35 -20.26 7.31
C GLU B 49 -26.97 -20.35 7.94
N ASN B 50 -25.94 -20.07 7.15
CA ASN B 50 -24.58 -19.96 7.68
C ASN B 50 -24.10 -21.24 8.40
N ASP B 51 -24.27 -22.37 7.71
CA ASP B 51 -23.99 -23.70 8.25
C ASP B 51 -22.49 -23.85 8.54
N GLN B 52 -22.12 -24.06 9.81
CA GLN B 52 -20.70 -24.16 10.16
C GLN B 52 -20.11 -25.56 9.94
N THR B 53 -20.94 -26.50 9.53
CA THR B 53 -20.44 -27.87 9.35
C THR B 53 -19.93 -28.15 7.94
N VAL B 54 -19.99 -27.14 7.05
CA VAL B 54 -19.58 -27.32 5.65
C VAL B 54 -18.48 -26.35 5.21
N THR B 55 -17.75 -25.82 6.17
CA THR B 55 -16.78 -24.77 5.91
C THR B 55 -15.77 -25.17 4.82
N GLY B 56 -15.13 -26.33 4.98
CA GLY B 56 -14.11 -26.74 4.02
C GLY B 56 -14.65 -26.83 2.60
N ALA B 57 -15.83 -27.42 2.44
CA ALA B 57 -16.43 -27.57 1.13
C ALA B 57 -16.73 -26.21 0.55
N ALA B 58 -17.24 -25.32 1.40
CA ALA B 58 -17.61 -23.95 0.93
C ALA B 58 -16.38 -23.22 0.42
N PHE B 59 -15.29 -23.27 1.16
CA PHE B 59 -14.08 -22.61 0.65
C PHE B 59 -13.50 -23.29 -0.60
N ASP B 60 -13.66 -24.61 -0.72
CA ASP B 60 -13.22 -25.28 -1.95
C ASP B 60 -14.00 -24.74 -3.14
N VAL B 61 -15.32 -24.65 -2.96
CA VAL B 61 -16.19 -24.09 -4.01
C VAL B 61 -15.84 -22.65 -4.34
N LEU B 62 -15.54 -21.86 -3.30
CA LEU B 62 -15.17 -20.44 -3.55
C LEU B 62 -13.90 -20.39 -4.39
N HIS B 63 -12.90 -21.18 -4.06
CA HIS B 63 -11.64 -21.18 -4.84
C HIS B 63 -11.90 -21.59 -6.28
N TYR B 64 -12.75 -22.61 -6.46
CA TYR B 64 -13.05 -23.09 -7.80
C TYR B 64 -13.74 -22.03 -8.66
N ILE B 65 -14.78 -21.41 -8.12
CA ILE B 65 -15.54 -20.37 -8.83
C ILE B 65 -14.64 -19.18 -9.15
N VAL B 66 -13.85 -18.78 -8.18
CA VAL B 66 -12.86 -17.69 -8.42
C VAL B 66 -11.93 -18.05 -9.58
N SER B 67 -11.38 -19.28 -9.57
CA SER B 67 -10.46 -19.68 -10.63
CA SER B 67 -10.45 -19.69 -10.63
C SER B 67 -11.11 -19.64 -12.01
N LYS B 68 -12.35 -20.10 -12.10
CA LYS B 68 -13.03 -20.16 -13.40
C LYS B 68 -13.39 -18.77 -13.90
N ARG B 69 -13.75 -17.86 -12.98
CA ARG B 69 -13.96 -16.45 -13.43
C ARG B 69 -12.66 -15.80 -13.92
N LEU B 70 -11.56 -16.04 -13.23
CA LEU B 70 -10.29 -15.46 -13.68
C LEU B 70 -9.85 -16.11 -15.00
N GLN B 71 -10.13 -17.40 -15.17
CA GLN B 71 -9.85 -18.09 -16.44
C GLN B 71 -10.53 -17.38 -17.61
N LEU B 72 -11.72 -16.85 -17.36
CA LEU B 72 -12.51 -16.17 -18.40
C LEU B 72 -12.16 -14.68 -18.49
N GLY B 73 -11.21 -14.28 -17.64
CA GLY B 73 -10.67 -12.91 -17.60
C GLY B 73 -11.61 -11.90 -16.96
N LYS B 74 -12.41 -12.36 -16.00
CA LYS B 74 -13.34 -11.51 -15.33
C LYS B 74 -12.87 -11.10 -13.93
N LEU B 75 -12.86 -9.79 -13.70
CA LEU B 75 -12.51 -9.27 -12.38
C LEU B 75 -13.39 -9.87 -11.28
N THR B 76 -12.76 -10.27 -10.19
CA THR B 76 -13.48 -10.94 -9.12
C THR B 76 -13.06 -10.43 -7.76
N VAL B 77 -14.06 -10.33 -6.86
CA VAL B 77 -13.83 -9.83 -5.50
C VAL B 77 -14.14 -10.97 -4.54
N VAL B 78 -13.23 -11.28 -3.64
CA VAL B 78 -13.43 -12.35 -2.65
C VAL B 78 -13.88 -11.71 -1.35
N ASP B 79 -15.15 -11.96 -1.01
CA ASP B 79 -15.76 -11.40 0.17
C ASP B 79 -15.79 -12.49 1.27
N ALA B 80 -14.69 -12.55 2.02
CA ALA B 80 -14.54 -13.46 3.17
C ALA B 80 -13.61 -12.77 4.16
N THR B 81 -13.49 -13.30 5.37
CA THR B 81 -12.67 -12.71 6.42
CA THR B 81 -12.68 -12.63 6.39
C THR B 81 -11.24 -12.47 5.91
N ASN B 82 -10.64 -13.55 5.39
CA ASN B 82 -9.27 -13.47 4.84
C ASN B 82 -8.21 -12.91 5.78
N VAL B 83 -8.38 -13.14 7.09
CA VAL B 83 -7.43 -12.62 8.07
C VAL B 83 -6.28 -13.58 8.40
N GLN B 84 -6.39 -14.83 7.96
CA GLN B 84 -5.32 -15.78 8.12
C GLN B 84 -4.49 -15.88 6.85
N GLU B 85 -3.19 -16.04 7.01
CA GLU B 85 -2.30 -16.18 5.84
C GLU B 85 -2.71 -17.43 5.03
N SER B 86 -3.15 -18.48 5.72
CA SER B 86 -3.54 -19.72 5.07
C SER B 86 -4.77 -19.55 4.17
N ALA B 87 -5.60 -18.55 4.47
CA ALA B 87 -6.76 -18.20 3.66
C ALA B 87 -6.35 -17.44 2.43
N ARG B 88 -5.37 -16.54 2.61
CA ARG B 88 -4.97 -15.69 1.50
C ARG B 88 -4.10 -16.38 0.47
N LYS B 89 -3.26 -17.33 0.93
CA LYS B 89 -2.28 -17.99 0.07
CA LYS B 89 -2.27 -17.95 0.05
C LYS B 89 -2.88 -18.58 -1.20
N PRO B 90 -3.95 -19.40 -1.05
CA PRO B 90 -4.53 -19.95 -2.29
C PRO B 90 -5.04 -18.89 -3.27
N LEU B 91 -5.51 -17.76 -2.75
CA LEU B 91 -6.03 -16.71 -3.61
C LEU B 91 -4.90 -16.08 -4.41
N ILE B 92 -3.74 -15.88 -3.76
CA ILE B 92 -2.54 -15.37 -4.45
C ILE B 92 -2.08 -16.34 -5.53
N GLU B 93 -2.05 -17.63 -5.21
CA GLU B 93 -1.63 -18.63 -6.18
C GLU B 93 -2.58 -18.73 -7.37
N ILE B 94 -3.89 -18.66 -7.10
CA ILE B 94 -4.87 -18.65 -8.17
C ILE B 94 -4.67 -17.43 -9.09
N ALA B 95 -4.48 -16.25 -8.50
CA ALA B 95 -4.23 -15.06 -9.34
C ALA B 95 -3.01 -15.27 -10.22
N LYS B 96 -1.93 -15.81 -9.67
CA LYS B 96 -0.73 -16.08 -10.46
C LYS B 96 -0.98 -16.98 -11.64
N ASP B 97 -1.75 -18.02 -11.40
CA ASP B 97 -1.96 -19.00 -12.43
C ASP B 97 -2.72 -18.40 -13.60
N TYR B 98 -3.51 -17.38 -13.34
CA TYR B 98 -4.24 -16.73 -14.41
C TYR B 98 -3.74 -15.35 -14.77
N HIS B 99 -2.49 -15.06 -14.38
CA HIS B 99 -1.80 -13.83 -14.78
C HIS B 99 -2.63 -12.60 -14.41
N CYS B 100 -3.12 -12.63 -13.19
CA CYS B 100 -4.03 -11.60 -12.65
CA CYS B 100 -4.03 -11.64 -12.65
C CYS B 100 -3.33 -10.94 -11.46
N PHE B 101 -3.48 -9.61 -11.31
CA PHE B 101 -2.93 -8.94 -10.13
C PHE B 101 -3.81 -9.23 -8.90
N PRO B 102 -3.24 -9.74 -7.79
CA PRO B 102 -4.00 -9.77 -6.56
C PRO B 102 -3.91 -8.42 -5.81
N VAL B 103 -5.05 -7.91 -5.34
CA VAL B 103 -5.13 -6.60 -4.67
C VAL B 103 -5.71 -6.78 -3.28
N ALA B 104 -5.09 -6.22 -2.25
CA ALA B 104 -5.65 -6.39 -0.90
C ALA B 104 -6.37 -5.11 -0.49
N VAL B 105 -7.59 -5.22 0.03
CA VAL B 105 -8.29 -4.07 0.63
C VAL B 105 -8.58 -4.43 2.10
N VAL B 106 -7.92 -3.73 3.02
CA VAL B 106 -7.95 -4.17 4.41
C VAL B 106 -8.82 -3.23 5.23
N PHE B 107 -9.78 -3.77 5.97
CA PHE B 107 -10.64 -2.99 6.82
C PHE B 107 -10.02 -2.91 8.21
N ASN B 108 -9.09 -1.97 8.37
CA ASN B 108 -8.33 -1.82 9.61
C ASN B 108 -9.06 -0.95 10.65
N LEU B 109 -10.21 -1.45 11.10
CA LEU B 109 -11.07 -0.71 12.01
C LEU B 109 -10.87 -1.21 13.42
N PRO B 110 -11.06 -0.31 14.40
CA PRO B 110 -10.93 -0.81 15.76
C PRO B 110 -11.91 -1.94 16.04
N GLU B 111 -11.53 -2.85 16.92
CA GLU B 111 -12.38 -3.95 17.30
C GLU B 111 -13.75 -3.43 17.75
N LYS B 112 -13.75 -2.30 18.46
CA LYS B 112 -15.02 -1.87 19.02
C LYS B 112 -16.06 -1.47 17.97
N VAL B 113 -15.61 -1.01 16.81
CA VAL B 113 -16.49 -0.62 15.74
C VAL B 113 -17.19 -1.89 15.26
N CYS B 114 -16.41 -2.94 15.10
CA CYS B 114 -16.98 -4.20 14.60
C CYS B 114 -17.90 -4.81 15.64
N GLN B 115 -17.53 -4.72 16.92
CA GLN B 115 -18.36 -5.34 17.97
C GLN B 115 -19.69 -4.61 18.07
N GLU B 116 -19.64 -3.30 17.89
CA GLU B 116 -20.86 -2.51 18.00
C GLU B 116 -21.78 -2.74 16.80
N ARG B 117 -21.22 -2.85 15.60
CA ARG B 117 -22.01 -3.18 14.40
C ARG B 117 -22.63 -4.58 14.45
N ASN B 118 -21.86 -5.51 14.98
CA ASN B 118 -22.30 -6.87 15.16
C ASN B 118 -23.64 -6.99 15.91
N LYS B 119 -23.77 -6.27 17.04
CA LYS B 119 -24.92 -6.39 17.94
C LYS B 119 -26.16 -5.86 17.27
N ASN B 120 -25.97 -5.05 16.23
CA ASN B 120 -27.11 -4.45 15.55
C ASN B 120 -27.45 -5.05 14.20
N ARG B 121 -26.70 -6.06 13.77
CA ARG B 121 -27.00 -6.75 12.52
C ARG B 121 -28.38 -7.45 12.51
N THR B 122 -29.05 -7.31 11.37
CA THR B 122 -30.37 -7.88 11.15
C THR B 122 -30.31 -9.08 10.26
N ASP B 123 -29.09 -9.53 9.92
CA ASP B 123 -28.94 -10.79 9.19
C ASP B 123 -28.48 -11.98 10.03
N ARG B 124 -27.29 -11.88 10.61
CA ARG B 124 -26.77 -12.89 11.54
C ARG B 124 -25.72 -12.19 12.40
N GLN B 125 -25.39 -12.80 13.54
CA GLN B 125 -24.43 -12.25 14.48
C GLN B 125 -23.44 -13.31 14.93
N VAL B 126 -22.24 -12.87 15.29
CA VAL B 126 -21.23 -13.77 15.86
C VAL B 126 -20.95 -13.43 17.32
N GLU B 127 -20.34 -14.37 18.05
CA GLU B 127 -19.97 -14.11 19.44
C GLU B 127 -18.77 -13.13 19.51
N GLU B 128 -18.66 -12.42 20.64
CA GLU B 128 -17.68 -11.33 20.80
C GLU B 128 -16.25 -11.82 20.60
N TYR B 129 -15.97 -13.03 21.09
CA TYR B 129 -14.58 -13.54 20.97
C TYR B 129 -14.15 -13.73 19.53
N VAL B 130 -15.09 -14.00 18.63
CA VAL B 130 -14.76 -14.18 17.22
C VAL B 130 -14.21 -12.88 16.64
N ILE B 131 -14.90 -11.77 16.92
CA ILE B 131 -14.47 -10.49 16.43
C ILE B 131 -13.16 -10.04 17.10
N ARG B 132 -12.98 -10.36 18.37
CA ARG B 132 -11.70 -10.05 19.04
C ARG B 132 -10.54 -10.73 18.32
N LYS B 133 -10.73 -12.01 18.01
CA LYS B 133 -9.72 -12.83 17.32
C LYS B 133 -9.45 -12.36 15.90
N HIS B 134 -10.51 -12.12 15.14
CA HIS B 134 -10.36 -11.64 13.77
C HIS B 134 -9.54 -10.35 13.74
N THR B 135 -9.85 -9.46 14.66
CA THR B 135 -9.18 -8.15 14.71
C THR B 135 -7.67 -8.29 15.01
N GLN B 136 -7.32 -9.16 15.95
CA GLN B 136 -5.92 -9.47 16.23
C GLN B 136 -5.22 -10.03 14.99
N GLN B 137 -5.89 -10.97 14.30
CA GLN B 137 -5.32 -11.58 13.12
C GLN B 137 -5.13 -10.59 11.98
N LYS B 139 -4.75 -7.33 12.26
CA LYS B 139 -3.69 -6.35 12.54
C LYS B 139 -2.29 -6.95 12.34
N LYS B 140 -2.16 -8.22 12.68
CA LYS B 140 -0.91 -8.97 12.54
C LYS B 140 -0.53 -9.20 11.07
N SER B 141 -1.54 -9.15 10.22
CA SER B 141 -1.38 -9.51 8.82
C SER B 141 -0.89 -8.33 7.99
N ILE B 142 -1.20 -7.13 8.44
CA ILE B 142 -0.98 -5.98 7.55
C ILE B 142 0.43 -5.85 7.03
N LYS B 143 1.39 -5.95 7.94
CA LYS B 143 2.78 -5.67 7.55
C LYS B 143 3.32 -6.55 6.43
N GLY B 144 2.95 -7.83 6.41
CA GLY B 144 3.50 -8.73 5.42
C GLY B 144 2.69 -8.95 4.14
N LEU B 145 1.60 -8.19 3.94
CA LEU B 145 0.78 -8.45 2.74
C LEU B 145 1.51 -8.23 1.40
N GLN B 146 2.32 -7.16 1.29
CA GLN B 146 3.05 -6.95 0.04
C GLN B 146 3.97 -8.16 -0.24
N ARG B 147 4.62 -8.65 0.82
CA ARG B 147 5.57 -9.75 0.68
C ARG B 147 4.86 -11.05 0.31
N GLU B 148 3.61 -11.17 0.71
CA GLU B 148 2.82 -12.36 0.41
C GLU B 148 2.53 -12.45 -1.09
N GLY B 149 2.55 -11.30 -1.75
CA GLY B 149 2.37 -11.30 -3.18
C GLY B 149 1.29 -10.36 -3.65
N PHE B 150 0.64 -9.64 -2.74
CA PHE B 150 -0.35 -8.63 -3.16
C PHE B 150 0.38 -7.51 -3.86
N ARG B 151 -0.08 -7.17 -5.06
CA ARG B 151 0.61 -6.17 -5.88
C ARG B 151 0.28 -4.76 -5.45
N TYR B 152 -0.95 -4.54 -5.03
CA TYR B 152 -1.34 -3.27 -4.41
C TYR B 152 -1.97 -3.60 -3.07
N VAL B 153 -1.63 -2.85 -2.03
CA VAL B 153 -2.19 -3.10 -0.69
C VAL B 153 -2.80 -1.78 -0.23
N TYR B 154 -4.13 -1.78 0.00
CA TYR B 154 -4.85 -0.57 0.38
C TYR B 154 -5.42 -0.78 1.75
N ILE B 155 -5.01 0.05 2.69
CA ILE B 155 -5.43 -0.12 4.08
C ILE B 155 -6.36 1.03 4.49
N LEU B 156 -7.56 0.69 4.95
CA LEU B 156 -8.58 1.68 5.34
C LEU B 156 -8.65 1.74 6.87
N ASN B 157 -8.43 2.94 7.44
CA ASN B 157 -8.16 2.99 8.86
C ASN B 157 -9.28 3.51 9.75
N SER B 158 -10.39 3.89 9.14
CA SER B 158 -11.56 4.37 9.88
C SER B 158 -12.78 4.29 8.98
N PRO B 159 -13.99 4.35 9.58
CA PRO B 159 -15.23 4.36 8.80
C PRO B 159 -15.28 5.53 7.81
N GLU B 160 -14.76 6.67 8.23
CA GLU B 160 -14.68 7.85 7.36
C GLU B 160 -13.87 7.56 6.08
N GLU B 161 -12.71 6.88 6.21
CA GLU B 161 -11.90 6.54 5.04
C GLU B 161 -12.62 5.49 4.18
N VAL B 162 -13.26 4.51 4.82
CA VAL B 162 -14.00 3.51 4.05
C VAL B 162 -15.07 4.19 3.22
N GLU B 163 -15.78 5.10 3.86
CA GLU B 163 -16.86 5.87 3.24
C GLU B 163 -16.38 6.64 2.00
N GLU B 164 -15.15 7.11 2.05
CA GLU B 164 -14.63 8.01 1.02
C GLU B 164 -14.07 7.29 -0.22
N VAL B 165 -13.85 6.00 -0.10
CA VAL B 165 -13.23 5.23 -1.18
C VAL B 165 -13.99 5.31 -2.49
N VAL B 166 -13.24 5.51 -3.59
CA VAL B 166 -13.78 5.26 -4.92
CA VAL B 166 -13.74 5.34 -4.96
C VAL B 166 -12.73 4.47 -5.70
N PHE B 167 -13.19 3.48 -6.45
CA PHE B 167 -12.27 2.69 -7.24
C PHE B 167 -12.08 3.27 -8.63
N GLU B 168 -10.84 3.24 -9.11
CA GLU B 168 -10.53 3.57 -10.49
C GLU B 168 -9.97 2.35 -11.24
N ARG B 169 -10.76 1.83 -12.18
CA ARG B 169 -10.38 0.63 -12.90
C ARG B 169 -9.60 0.98 -14.14
N GLN B 170 -8.40 0.41 -14.30
CA GLN B 170 -7.53 0.72 -15.43
C GLN B 170 -7.46 -0.41 -16.45
N PRO B 171 -7.67 -0.08 -17.75
CA PRO B 171 -7.54 -1.01 -18.88
C PRO B 171 -6.08 -1.38 -19.14
#